data_8CI9
#
_entry.id   8CI9
#
_cell.length_a   41.713
_cell.length_b   66.828
_cell.length_c   55.209
_cell.angle_alpha   90.00
_cell.angle_beta   105.85
_cell.angle_gamma   90.00
#
_symmetry.space_group_name_H-M   'P 1 21 1'
#
loop_
_entity.id
_entity.type
_entity.pdbx_description
1 polymer 'Deoxypodophyllotoxin synthase'
2 non-polymer 'FE (III) ION'
3 non-polymer 2-AMINO-2-HYDROXYMETHYL-PROPANE-1,3-DIOL
4 water water
#
_entity_poly.entity_id   1
_entity_poly.type   'polypeptide(L)'
_entity_poly.pdbx_seq_one_letter_code
;MGSTAPLRLPVIDLSMKNLKPGTTSWNSVRTQVREALEEYGCFEAVIDAVSPELQKAVCNKGHELLNLPLETKMLNGNKP
EYDGFTSIPNLNEGMGVGRITDLEKVERFTNLMWPEGNKDFCETVYSYGKRMAEVDHILKMMVFESFGMEKHFDSFCEST
NYLLHFMRYQQPGKDGRSPALSLHKDKSILTIVNQNDVKGLEFETKDGEWILPTADNHIVLLGDCFMAWSNGRLHSPLHR
VTLVANQARLSTSSFSFPKDIIETPAELVDEEHPLLFNPFEITELLAYCFTKEGAKAVCDLKQYKAYTGALE
;
_entity_poly.pdbx_strand_id   C
#
loop_
_chem_comp.id
_chem_comp.type
_chem_comp.name
_chem_comp.formula
FE non-polymer 'FE (III) ION' 'Fe 3'
TRS non-polymer 2-AMINO-2-HYDROXYMETHYL-PROPANE-1,3-DIOL 'C4 H12 N O3 1'
#
# COMPACT_ATOMS: atom_id res chain seq x y z
N LEU A 7 -0.43 -23.44 1.90
CA LEU A 7 -0.05 -22.04 1.55
C LEU A 7 -1.31 -21.18 1.39
N ARG A 8 -1.71 -20.46 2.44
CA ARG A 8 -2.82 -19.48 2.40
C ARG A 8 -2.57 -18.40 3.48
N LEU A 9 -3.00 -17.16 3.23
CA LEU A 9 -2.72 -16.03 4.15
C LEU A 9 -3.63 -16.12 5.37
N PRO A 10 -3.22 -15.51 6.50
CA PRO A 10 -4.12 -15.25 7.59
C PRO A 10 -5.30 -14.41 7.10
N VAL A 11 -6.45 -14.58 7.72
CA VAL A 11 -7.64 -13.75 7.48
C VAL A 11 -8.01 -13.06 8.77
N ILE A 12 -8.01 -11.75 8.76
CA ILE A 12 -8.24 -10.93 9.96
C ILE A 12 -9.53 -10.16 9.77
N ASP A 13 -10.44 -10.36 10.70
CA ASP A 13 -11.75 -9.66 10.67
C ASP A 13 -11.57 -8.26 11.27
N LEU A 14 -11.55 -7.24 10.42
CA LEU A 14 -11.49 -5.84 10.87
C LEU A 14 -12.89 -5.25 10.87
N SER A 15 -13.94 -6.06 11.05
CA SER A 15 -15.30 -5.52 11.29
C SER A 15 -15.15 -4.42 12.34
N MET A 16 -15.50 -3.19 11.99
CA MET A 16 -15.23 -2.02 12.87
C MET A 16 -16.00 -2.17 14.18
N LYS A 17 -17.19 -2.74 14.11
CA LYS A 17 -18.00 -3.11 15.31
C LYS A 17 -17.09 -3.74 16.37
N ASN A 18 -17.09 -3.15 17.57
CA ASN A 18 -16.55 -3.73 18.82
C ASN A 18 -15.06 -3.35 18.97
N LEU A 19 -14.46 -2.79 17.91
CA LEU A 19 -12.99 -2.64 17.75
C LEU A 19 -12.55 -1.27 18.28
N LYS A 20 -12.75 -1.02 19.57
CA LYS A 20 -12.27 0.22 20.24
C LYS A 20 -11.02 -0.17 21.03
N PRO A 21 -10.04 0.75 21.19
CA PRO A 21 -8.86 0.46 22.01
C PRO A 21 -9.23 -0.01 23.43
N GLY A 22 -8.50 -1.02 23.92
CA GLY A 22 -8.67 -1.59 25.28
C GLY A 22 -9.65 -2.75 25.31
N THR A 23 -10.56 -2.85 24.33
CA THR A 23 -11.60 -3.92 24.30
C THR A 23 -10.93 -5.28 24.14
N THR A 24 -11.72 -6.35 24.29
CA THR A 24 -11.28 -7.77 24.22
C THR A 24 -10.90 -8.09 22.77
N SER A 25 -11.79 -7.76 21.84
CA SER A 25 -11.69 -8.01 20.39
C SER A 25 -10.45 -7.28 19.85
N TRP A 26 -10.22 -6.04 20.28
CA TRP A 26 -9.03 -5.23 19.87
C TRP A 26 -7.76 -6.00 20.24
N ASN A 27 -7.61 -6.48 21.46
CA ASN A 27 -6.39 -7.19 21.92
C ASN A 27 -6.15 -8.48 21.12
N SER A 28 -7.19 -9.24 20.82
CA SER A 28 -7.15 -10.47 19.98
C SER A 28 -6.70 -10.08 18.55
N VAL A 29 -7.30 -9.04 18.00
CA VAL A 29 -7.00 -8.61 16.59
C VAL A 29 -5.55 -8.10 16.56
N ARG A 30 -5.16 -7.36 17.58
CA ARG A 30 -3.74 -6.87 17.68
C ARG A 30 -2.75 -8.04 17.58
N THR A 31 -2.96 -9.12 18.32
CA THR A 31 -2.04 -10.26 18.28
C THR A 31 -2.01 -10.85 16.86
N GLN A 32 -3.16 -11.00 16.22
CA GLN A 32 -3.26 -11.56 14.85
C GLN A 32 -2.47 -10.67 13.85
N VAL A 33 -2.66 -9.36 13.94
CA VAL A 33 -2.00 -8.37 13.03
C VAL A 33 -0.49 -8.46 13.20
N ARG A 34 -0.03 -8.43 14.45
CA ARG A 34 1.44 -8.49 14.71
C ARG A 34 2.00 -9.81 14.17
N GLU A 35 1.35 -10.93 14.46
CA GLU A 35 1.91 -12.21 14.03
C GLU A 35 1.90 -12.33 12.49
N ALA A 36 0.84 -11.90 11.84
CA ALA A 36 0.74 -11.96 10.36
C ALA A 36 1.86 -11.12 9.71
N LEU A 37 2.06 -9.92 10.24
CA LEU A 37 3.05 -9.00 9.61
C LEU A 37 4.50 -9.45 9.93
N GLU A 38 4.68 -10.24 10.98
CA GLU A 38 6.02 -10.82 11.29
C GLU A 38 6.32 -12.01 10.36
N GLU A 39 5.37 -12.91 10.17
CA GLU A 39 5.56 -14.21 9.48
C GLU A 39 5.38 -14.03 7.97
N TYR A 40 4.25 -13.44 7.54
CA TYR A 40 3.85 -13.30 6.12
C TYR A 40 4.17 -11.90 5.57
N GLY A 41 4.13 -10.87 6.40
CA GLY A 41 4.18 -9.46 5.96
C GLY A 41 2.86 -9.01 5.37
N CYS A 42 1.82 -9.81 5.42
CA CYS A 42 0.54 -9.46 4.77
C CYS A 42 -0.58 -10.34 5.32
N PHE A 43 -1.82 -9.97 5.03
CA PHE A 43 -2.97 -10.79 5.45
C PHE A 43 -4.18 -10.36 4.65
N GLU A 44 -5.10 -11.30 4.43
CA GLU A 44 -6.43 -10.94 3.92
C GLU A 44 -7.20 -10.24 5.03
N ALA A 45 -7.93 -9.17 4.73
CA ALA A 45 -8.69 -8.39 5.71
C ALA A 45 -10.16 -8.26 5.30
N VAL A 46 -11.04 -8.54 6.24
CA VAL A 46 -12.50 -8.34 6.05
C VAL A 46 -12.81 -6.95 6.61
N ILE A 47 -13.09 -6.00 5.70
CA ILE A 47 -13.20 -4.57 6.04
C ILE A 47 -14.59 -4.11 5.66
N ASP A 48 -15.39 -3.73 6.63
CA ASP A 48 -16.74 -3.14 6.46
C ASP A 48 -16.66 -1.62 6.72
N ALA A 49 -15.46 -1.05 6.84
CA ALA A 49 -15.35 0.43 6.89
C ALA A 49 -15.81 0.96 5.54
N VAL A 50 -15.80 0.12 4.50
CA VAL A 50 -16.24 0.51 3.12
C VAL A 50 -17.31 -0.49 2.63
N SER A 51 -18.46 0.00 2.23
CA SER A 51 -19.55 -0.85 1.73
C SER A 51 -19.15 -1.45 0.39
N PRO A 52 -19.79 -2.56 -0.02
CA PRO A 52 -19.59 -3.06 -1.38
C PRO A 52 -19.96 -2.01 -2.47
N GLU A 53 -20.93 -1.16 -2.17
CA GLU A 53 -21.44 -0.08 -3.05
C GLU A 53 -20.31 0.93 -3.26
N LEU A 54 -19.65 1.34 -2.18
CA LEU A 54 -18.56 2.35 -2.29
C LEU A 54 -17.36 1.71 -2.98
N GLN A 55 -17.08 0.47 -2.65
CA GLN A 55 -15.95 -0.24 -3.31
C GLN A 55 -16.18 -0.24 -4.84
N LYS A 56 -17.40 -0.55 -5.31
CA LYS A 56 -17.66 -0.57 -6.76
C LYS A 56 -17.64 0.84 -7.37
N ALA A 57 -18.13 1.86 -6.67
CA ALA A 57 -18.10 3.28 -7.08
C ALA A 57 -16.64 3.69 -7.24
N VAL A 58 -15.75 3.32 -6.31
CA VAL A 58 -14.33 3.75 -6.42
CA VAL A 58 -14.34 3.79 -6.46
C VAL A 58 -13.68 3.04 -7.63
N CYS A 59 -14.03 1.79 -7.89
CA CYS A 59 -13.56 1.05 -9.07
C CYS A 59 -13.99 1.81 -10.34
N ASN A 60 -15.25 2.21 -10.42
CA ASN A 60 -15.73 2.99 -11.58
C ASN A 60 -14.93 4.31 -11.72
N LYS A 61 -14.65 4.99 -10.61
CA LYS A 61 -13.89 6.27 -10.61
C LYS A 61 -12.46 6.03 -11.13
N GLY A 62 -11.81 4.92 -10.77
CA GLY A 62 -10.50 4.52 -11.28
C GLY A 62 -10.53 4.39 -12.80
N HIS A 63 -11.54 3.67 -13.31
CA HIS A 63 -11.66 3.53 -14.79
C HIS A 63 -11.89 4.91 -15.42
N GLU A 64 -12.74 5.75 -14.82
CA GLU A 64 -13.08 7.08 -15.39
C GLU A 64 -11.77 7.90 -15.48
N LEU A 65 -10.96 7.87 -14.43
CA LEU A 65 -9.67 8.59 -14.44
C LEU A 65 -8.75 8.05 -15.55
N LEU A 66 -8.60 6.74 -15.63
CA LEU A 66 -7.62 6.13 -16.54
C LEU A 66 -8.16 6.20 -17.99
N ASN A 67 -9.43 6.54 -18.16
CA ASN A 67 -10.04 6.67 -19.53
C ASN A 67 -9.85 8.08 -20.08
N LEU A 68 -9.27 8.99 -19.29
CA LEU A 68 -9.01 10.35 -19.77
C LEU A 68 -7.94 10.30 -20.84
N PRO A 69 -7.85 11.34 -21.69
CA PRO A 69 -6.76 11.44 -22.66
C PRO A 69 -5.38 11.46 -22.00
N LEU A 70 -4.37 10.90 -22.67
CA LEU A 70 -2.99 10.85 -22.19
C LEU A 70 -2.57 12.25 -21.74
N GLU A 71 -2.80 13.28 -22.55
CA GLU A 71 -2.36 14.66 -22.24
C GLU A 71 -3.01 15.13 -20.93
N THR A 72 -4.26 14.73 -20.65
CA THR A 72 -4.92 15.12 -19.38
C THR A 72 -4.25 14.37 -18.20
N LYS A 73 -4.03 13.06 -18.33
CA LYS A 73 -3.40 12.27 -17.24
C LYS A 73 -2.01 12.85 -16.91
N MET A 74 -1.27 13.31 -17.92
CA MET A 74 0.08 13.88 -17.71
C MET A 74 0.08 15.14 -16.84
N LEU A 75 -1.04 15.85 -16.74
CA LEU A 75 -1.16 17.04 -15.91
C LEU A 75 -0.83 16.67 -14.45
N ASN A 76 -0.98 15.39 -14.05
CA ASN A 76 -0.69 14.98 -12.64
C ASN A 76 0.81 14.81 -12.40
N GLY A 77 1.66 15.18 -13.36
CA GLY A 77 3.11 15.28 -13.14
C GLY A 77 3.88 14.09 -13.61
N ASN A 78 5.19 14.16 -13.38
CA ASN A 78 6.18 13.22 -13.91
C ASN A 78 6.83 12.44 -12.79
N LYS A 79 6.08 12.13 -11.72
CA LYS A 79 6.58 11.34 -10.54
C LYS A 79 5.79 10.04 -10.44
N PRO A 80 6.07 9.05 -11.30
CA PRO A 80 5.35 7.77 -11.25
C PRO A 80 5.65 6.96 -9.99
N GLU A 81 6.68 7.29 -9.24
CA GLU A 81 7.03 6.63 -7.95
C GLU A 81 5.93 6.95 -6.92
N TYR A 82 5.12 7.98 -7.14
CA TYR A 82 4.04 8.36 -6.19
C TYR A 82 2.71 8.35 -6.93
N ASP A 83 2.42 9.37 -7.75
CA ASP A 83 1.06 9.55 -8.33
C ASP A 83 1.07 9.66 -9.87
N GLY A 84 2.21 9.89 -10.50
CA GLY A 84 2.27 10.21 -11.93
C GLY A 84 1.79 9.05 -12.79
N PHE A 85 1.17 9.38 -13.92
CA PHE A 85 0.78 8.38 -14.93
C PHE A 85 1.96 7.51 -15.39
N THR A 86 1.77 6.20 -15.42
CA THR A 86 2.75 5.18 -15.92
C THR A 86 2.04 4.22 -16.86
N SER A 87 2.75 3.66 -17.84
CA SER A 87 2.17 2.63 -18.74
C SER A 87 3.26 1.75 -19.34
N ILE A 88 3.00 0.45 -19.41
CA ILE A 88 3.77 -0.47 -20.29
C ILE A 88 2.82 -0.88 -21.39
N PRO A 89 3.11 -0.50 -22.66
CA PRO A 89 2.10 -0.61 -23.71
C PRO A 89 1.65 -2.08 -23.85
N ASN A 90 0.33 -2.26 -24.01
CA ASN A 90 -0.34 -3.57 -24.13
C ASN A 90 -0.29 -4.39 -22.86
N LEU A 91 0.12 -3.82 -21.71
CA LEU A 91 0.28 -4.63 -20.47
C LEU A 91 -0.43 -3.95 -19.29
N ASN A 92 -0.06 -2.72 -18.95
CA ASN A 92 -0.62 -2.07 -17.74
C ASN A 92 -0.53 -0.56 -17.87
N GLU A 93 -1.30 0.13 -17.04
CA GLU A 93 -1.24 1.60 -16.91
C GLU A 93 -1.70 1.92 -15.48
N GLY A 94 -1.34 3.09 -14.98
CA GLY A 94 -1.80 3.42 -13.63
C GLY A 94 -1.50 4.85 -13.30
N MET A 95 -2.13 5.34 -12.25
CA MET A 95 -1.82 6.69 -11.72
C MET A 95 -2.53 6.84 -10.36
N GLY A 96 -2.18 7.89 -9.65
CA GLY A 96 -2.71 8.09 -8.32
C GLY A 96 -3.32 9.45 -8.04
N VAL A 97 -4.12 9.49 -6.99
CA VAL A 97 -4.59 10.75 -6.37
C VAL A 97 -3.78 10.95 -5.09
N GLY A 98 -2.81 11.87 -5.12
CA GLY A 98 -2.00 12.17 -3.94
C GLY A 98 -2.77 12.93 -2.87
N ARG A 99 -2.38 12.73 -1.61
CA ARG A 99 -3.01 13.47 -0.47
C ARG A 99 -4.52 13.28 -0.50
N ILE A 100 -4.94 12.03 -0.55
CA ILE A 100 -6.36 11.69 -0.72
C ILE A 100 -7.16 12.09 0.53
N THR A 101 -6.57 12.28 1.70
CA THR A 101 -7.29 12.67 2.94
C THR A 101 -7.36 14.20 3.06
N ASP A 102 -6.78 14.95 2.12
CA ASP A 102 -6.81 16.44 2.13
C ASP A 102 -7.87 16.92 1.12
N LEU A 103 -9.05 17.28 1.59
CA LEU A 103 -10.16 17.56 0.66
C LEU A 103 -9.78 18.67 -0.35
N GLU A 104 -9.03 19.69 0.07
CA GLU A 104 -8.62 20.81 -0.83
C GLU A 104 -7.73 20.28 -1.95
N LYS A 105 -6.83 19.35 -1.64
CA LYS A 105 -5.91 18.74 -2.63
C LYS A 105 -6.73 17.86 -3.56
N VAL A 106 -7.72 17.14 -3.07
CA VAL A 106 -8.55 16.26 -3.94
C VAL A 106 -9.38 17.17 -4.86
N GLU A 107 -9.87 18.30 -4.35
CA GLU A 107 -10.72 19.24 -5.14
C GLU A 107 -9.87 19.79 -6.29
N ARG A 108 -8.64 20.19 -5.99
CA ARG A 108 -7.68 20.77 -6.96
C ARG A 108 -7.40 19.71 -8.04
N PHE A 109 -7.01 18.49 -7.62
CA PHE A 109 -6.77 17.39 -8.57
C PHE A 109 -7.95 17.21 -9.49
N THR A 110 -9.15 17.17 -8.94
CA THR A 110 -10.41 16.96 -9.69
C THR A 110 -10.58 18.08 -10.73
N ASN A 111 -10.30 19.32 -10.36
CA ASN A 111 -10.53 20.46 -11.29
C ASN A 111 -9.39 20.51 -12.33
N LEU A 112 -8.20 20.02 -12.00
CA LEU A 112 -7.10 19.81 -12.98
C LEU A 112 -7.55 18.80 -14.06
N MET A 113 -8.17 17.70 -13.64
CA MET A 113 -8.55 16.58 -14.56
C MET A 113 -9.85 16.92 -15.28
N TRP A 114 -10.76 17.65 -14.63
CA TRP A 114 -12.13 17.98 -15.11
C TRP A 114 -12.39 19.46 -14.82
N PRO A 115 -11.89 20.38 -15.69
CA PRO A 115 -12.10 21.82 -15.51
C PRO A 115 -13.57 22.23 -15.37
N GLU A 116 -14.48 21.49 -16.02
CA GLU A 116 -15.94 21.72 -15.91
C GLU A 116 -16.50 21.08 -14.63
N GLY A 117 -15.66 20.40 -13.83
CA GLY A 117 -16.06 19.83 -12.53
C GLY A 117 -16.42 18.35 -12.61
N ASN A 118 -16.29 17.63 -11.48
CA ASN A 118 -16.65 16.18 -11.36
C ASN A 118 -16.87 15.91 -9.87
N LYS A 119 -17.96 16.45 -9.30
CA LYS A 119 -18.23 16.37 -7.84
C LYS A 119 -18.32 14.88 -7.45
N ASP A 120 -18.88 14.01 -8.29
CA ASP A 120 -19.06 12.57 -8.02
C ASP A 120 -17.68 11.93 -7.82
N PHE A 121 -16.75 12.21 -8.72
CA PHE A 121 -15.38 11.66 -8.59
C PHE A 121 -14.76 12.13 -7.27
N CYS A 122 -14.74 13.43 -7.02
CA CYS A 122 -14.10 14.04 -5.84
C CYS A 122 -14.69 13.45 -4.54
N GLU A 123 -16.01 13.34 -4.45
CA GLU A 123 -16.69 12.90 -3.20
C GLU A 123 -16.40 11.42 -2.99
N THR A 124 -16.49 10.59 -4.03
CA THR A 124 -16.30 9.12 -3.93
C THR A 124 -14.85 8.88 -3.46
N VAL A 125 -13.88 9.47 -4.14
CA VAL A 125 -12.47 9.05 -3.84
C VAL A 125 -12.09 9.57 -2.45
N TYR A 126 -12.53 10.75 -2.08
CA TYR A 126 -12.21 11.30 -0.75
C TYR A 126 -12.83 10.40 0.33
N SER A 127 -14.09 10.03 0.13
CA SER A 127 -14.78 9.14 1.10
C SER A 127 -13.99 7.83 1.30
N TYR A 128 -13.58 7.21 0.21
CA TYR A 128 -12.84 5.92 0.29
C TYR A 128 -11.48 6.13 0.96
N GLY A 129 -10.78 7.17 0.56
CA GLY A 129 -9.47 7.49 1.18
C GLY A 129 -9.57 7.71 2.69
N LYS A 130 -10.60 8.44 3.11
CA LYS A 130 -10.77 8.74 4.56
C LYS A 130 -11.05 7.45 5.34
N ARG A 131 -11.91 6.61 4.80
CA ARG A 131 -12.28 5.36 5.48
C ARG A 131 -11.09 4.37 5.54
N MET A 132 -10.33 4.30 4.45
CA MET A 132 -9.17 3.37 4.42
C MET A 132 -8.00 3.91 5.26
N ALA A 133 -7.90 5.22 5.42
CA ALA A 133 -6.84 5.81 6.27
C ALA A 133 -7.10 5.46 7.74
N GLU A 134 -8.37 5.40 8.14
CA GLU A 134 -8.70 4.99 9.53
C GLU A 134 -8.28 3.54 9.75
N VAL A 135 -8.50 2.67 8.78
CA VAL A 135 -8.04 1.25 8.89
C VAL A 135 -6.51 1.24 9.05
N ASP A 136 -5.81 1.98 8.21
CA ASP A 136 -4.34 2.11 8.34
C ASP A 136 -3.96 2.58 9.74
N HIS A 137 -4.65 3.60 10.25
CA HIS A 137 -4.31 4.18 11.58
C HIS A 137 -4.46 3.11 12.66
N ILE A 138 -5.57 2.40 12.63
CA ILE A 138 -5.86 1.37 13.66
C ILE A 138 -4.78 0.29 13.58
N LEU A 139 -4.42 -0.13 12.37
CA LEU A 139 -3.45 -1.23 12.23
C LEU A 139 -2.08 -0.76 12.74
N LYS A 140 -1.66 0.44 12.39
CA LYS A 140 -0.34 0.94 12.86
C LYS A 140 -0.39 0.99 14.40
N MET A 141 -1.48 1.49 14.94
CA MET A 141 -1.65 1.62 16.42
C MET A 141 -1.45 0.24 17.07
N MET A 142 -2.10 -0.80 16.54
CA MET A 142 -1.99 -2.18 17.08
C MET A 142 -0.53 -2.61 17.00
N VAL A 143 0.16 -2.34 15.89
CA VAL A 143 1.59 -2.74 15.77
C VAL A 143 2.41 -2.02 16.85
N PHE A 144 2.22 -0.73 17.01
CA PHE A 144 2.98 0.08 17.98
C PHE A 144 2.73 -0.52 19.38
N GLU A 145 1.47 -0.77 19.71
CA GLU A 145 1.11 -1.36 21.04
C GLU A 145 1.86 -2.67 21.22
N SER A 146 1.94 -3.51 20.18
CA SER A 146 2.56 -4.86 20.24
C SER A 146 4.06 -4.77 20.57
N PHE A 147 4.73 -3.63 20.30
CA PHE A 147 6.19 -3.45 20.50
C PHE A 147 6.42 -2.59 21.75
N GLY A 148 5.38 -2.29 22.52
CA GLY A 148 5.53 -1.45 23.74
C GLY A 148 5.77 -0.01 23.42
N MET A 149 5.30 0.47 22.25
CA MET A 149 5.67 1.80 21.74
C MET A 149 4.45 2.72 21.61
N GLU A 150 3.33 2.41 22.25
CA GLU A 150 2.06 3.17 22.05
C GLU A 150 2.29 4.63 22.43
N LYS A 151 3.18 4.95 23.37
CA LYS A 151 3.41 6.38 23.77
C LYS A 151 4.17 7.17 22.69
N HIS A 152 4.74 6.50 21.67
CA HIS A 152 5.50 7.12 20.56
C HIS A 152 4.63 7.23 19.28
N PHE A 153 3.42 6.68 19.32
CA PHE A 153 2.54 6.47 18.14
C PHE A 153 2.03 7.81 17.58
N ASP A 154 1.52 8.71 18.41
CA ASP A 154 1.00 10.01 17.91
C ASP A 154 2.12 10.78 17.19
N SER A 155 3.36 10.76 17.68
CA SER A 155 4.47 11.48 17.03
C SER A 155 4.72 10.88 15.64
N PHE A 156 4.62 9.54 15.52
CA PHE A 156 4.96 8.82 14.27
C PHE A 156 3.94 9.20 13.20
N CYS A 157 2.70 9.36 13.62
CA CYS A 157 1.53 9.49 12.72
C CYS A 157 1.30 10.94 12.30
N GLU A 158 1.92 11.91 12.96
CA GLU A 158 1.64 13.33 12.64
C GLU A 158 1.90 13.58 11.13
N SER A 159 0.91 14.16 10.44
CA SER A 159 1.01 14.61 9.03
C SER A 159 1.33 13.40 8.13
N THR A 160 0.73 12.25 8.42
CA THR A 160 0.83 11.07 7.54
C THR A 160 0.33 11.46 6.16
N ASN A 161 1.00 10.98 5.12
CA ASN A 161 0.65 11.24 3.70
C ASN A 161 -0.11 10.02 3.19
N TYR A 162 -1.32 10.15 2.71
CA TYR A 162 -2.07 9.02 2.09
C TYR A 162 -2.22 9.16 0.59
N LEU A 163 -2.14 8.05 -0.14
CA LEU A 163 -2.19 7.97 -1.63
C LEU A 163 -3.28 6.96 -1.99
N LEU A 164 -4.09 7.29 -2.98
CA LEU A 164 -5.03 6.31 -3.60
C LEU A 164 -4.51 6.05 -5.01
N HIS A 165 -4.18 4.80 -5.35
CA HIS A 165 -3.53 4.49 -6.63
C HIS A 165 -4.28 3.38 -7.37
N PHE A 166 -4.51 3.62 -8.65
CA PHE A 166 -5.19 2.67 -9.57
C PHE A 166 -4.17 2.06 -10.53
N MET A 167 -4.16 0.74 -10.68
CA MET A 167 -3.44 0.04 -11.78
C MET A 167 -4.44 -0.76 -12.58
N ARG A 168 -4.36 -0.60 -13.89
CA ARG A 168 -5.25 -1.32 -14.83
C ARG A 168 -4.39 -2.22 -15.73
N TYR A 169 -4.87 -3.44 -15.96
CA TYR A 169 -4.17 -4.52 -16.70
C TYR A 169 -5.07 -4.96 -17.85
N GLN A 170 -4.57 -4.79 -19.05
CA GLN A 170 -5.32 -5.12 -20.30
C GLN A 170 -5.60 -6.62 -20.34
N GLN A 171 -6.73 -7.01 -20.94
CA GLN A 171 -7.04 -8.45 -21.21
C GLN A 171 -5.82 -9.05 -21.89
N PRO A 172 -5.18 -10.11 -21.32
CA PRO A 172 -3.89 -10.58 -21.82
C PRO A 172 -3.98 -11.38 -23.14
N GLY A 173 -5.22 -11.70 -23.58
CA GLY A 173 -5.49 -12.40 -24.85
C GLY A 173 -5.44 -13.92 -24.71
N LYS A 174 -5.10 -14.44 -23.52
CA LYS A 174 -4.89 -15.88 -23.24
C LYS A 174 -5.43 -16.21 -21.84
N ASP A 175 -5.82 -17.49 -21.63
CA ASP A 175 -6.09 -18.04 -20.28
C ASP A 175 -4.78 -18.59 -19.73
N GLY A 176 -4.81 -19.19 -18.54
CA GLY A 176 -3.64 -19.80 -17.89
C GLY A 176 -2.94 -18.82 -16.97
N ARG A 177 -1.92 -18.14 -17.49
CA ARG A 177 -0.92 -17.40 -16.66
C ARG A 177 -0.19 -16.35 -17.51
N SER A 178 -0.40 -15.06 -17.19
CA SER A 178 0.19 -13.90 -17.90
C SER A 178 0.74 -12.91 -16.88
N PRO A 179 2.08 -12.91 -16.65
CA PRO A 179 2.74 -11.87 -15.87
C PRO A 179 2.30 -10.46 -16.30
N ALA A 180 2.00 -9.59 -15.34
CA ALA A 180 1.41 -8.27 -15.62
C ALA A 180 2.09 -7.13 -14.84
N LEU A 181 2.75 -7.43 -13.72
CA LEU A 181 3.52 -6.43 -12.91
C LEU A 181 4.69 -7.16 -12.25
N SER A 182 5.90 -6.56 -12.28
CA SER A 182 7.16 -7.22 -11.86
C SER A 182 7.29 -7.22 -10.31
N LEU A 183 8.11 -8.12 -9.80
CA LEU A 183 8.37 -8.31 -8.35
C LEU A 183 8.94 -7.01 -7.76
N HIS A 184 8.43 -6.63 -6.60
CA HIS A 184 8.91 -5.42 -5.89
C HIS A 184 8.49 -5.55 -4.43
N LYS A 185 9.13 -4.75 -3.58
CA LYS A 185 8.57 -4.39 -2.26
C LYS A 185 7.99 -3.00 -2.35
N ASP A 186 6.89 -2.76 -1.63
CA ASP A 186 6.31 -1.41 -1.55
C ASP A 186 7.20 -0.57 -0.63
N LYS A 187 7.15 0.74 -0.81
CA LYS A 187 7.94 1.70 0.00
C LYS A 187 7.00 2.50 0.89
N SER A 188 5.80 2.00 1.13
CA SER A 188 4.84 2.56 2.10
C SER A 188 5.19 2.14 3.55
N ILE A 189 4.38 2.61 4.47
CA ILE A 189 4.25 2.05 5.84
C ILE A 189 3.34 0.81 5.71
N LEU A 190 2.08 1.01 5.35
CA LEU A 190 1.18 -0.07 4.92
C LEU A 190 0.58 0.24 3.55
N THR A 191 0.28 -0.81 2.80
CA THR A 191 -0.53 -0.77 1.59
C THR A 191 -1.78 -1.62 1.81
N ILE A 192 -2.94 -1.13 1.41
CA ILE A 192 -4.19 -1.93 1.49
C ILE A 192 -4.78 -2.00 0.08
N VAL A 193 -4.90 -3.23 -0.43
CA VAL A 193 -5.22 -3.48 -1.85
C VAL A 193 -6.61 -4.09 -1.95
N ASN A 194 -7.41 -3.61 -2.90
CA ASN A 194 -8.63 -4.33 -3.36
C ASN A 194 -8.50 -4.69 -4.84
N GLN A 195 -8.72 -5.97 -5.19
CA GLN A 195 -8.53 -6.47 -6.58
C GLN A 195 -9.79 -6.38 -7.44
N ASN A 196 -10.89 -5.88 -6.92
CA ASN A 196 -12.15 -5.61 -7.68
C ASN A 196 -12.59 -6.91 -8.39
N ASP A 197 -12.58 -8.02 -7.65
CA ASP A 197 -13.12 -9.33 -8.15
C ASP A 197 -12.27 -10.04 -9.20
N VAL A 198 -11.05 -9.57 -9.50
CA VAL A 198 -10.14 -10.30 -10.43
C VAL A 198 -8.81 -10.52 -9.72
N LYS A 199 -8.38 -11.78 -9.59
CA LYS A 199 -7.15 -12.12 -8.84
C LYS A 199 -5.90 -11.93 -9.67
N GLY A 200 -4.75 -12.01 -9.02
CA GLY A 200 -3.47 -11.86 -9.71
C GLY A 200 -2.36 -11.41 -8.78
N LEU A 201 -2.69 -10.67 -7.73
CA LEU A 201 -1.69 -10.34 -6.70
C LEU A 201 -1.15 -11.66 -6.12
N GLU A 202 0.18 -11.78 -6.10
CA GLU A 202 0.89 -13.00 -5.68
C GLU A 202 2.09 -12.63 -4.79
N PHE A 203 2.19 -13.28 -3.61
CA PHE A 203 3.24 -13.00 -2.60
C PHE A 203 4.22 -14.16 -2.57
N GLU A 204 5.48 -13.82 -2.39
CA GLU A 204 6.56 -14.77 -2.07
C GLU A 204 6.62 -14.92 -0.55
N THR A 205 6.62 -16.15 -0.03
CA THR A 205 6.85 -16.42 1.41
C THR A 205 8.33 -16.27 1.71
N LYS A 206 8.70 -16.22 3.00
CA LYS A 206 10.12 -16.20 3.43
C LYS A 206 10.81 -17.48 2.94
N ASP A 207 10.11 -18.62 2.97
CA ASP A 207 10.59 -19.94 2.49
C ASP A 207 11.07 -19.81 1.04
N GLY A 208 10.23 -19.19 0.20
CA GLY A 208 10.41 -19.07 -1.27
C GLY A 208 9.22 -19.64 -2.03
N GLU A 209 8.09 -19.90 -1.35
CA GLU A 209 6.82 -20.37 -1.95
C GLU A 209 5.94 -19.16 -2.33
N TRP A 210 4.85 -19.42 -3.05
CA TRP A 210 3.99 -18.38 -3.67
C TRP A 210 2.56 -18.55 -3.18
N ILE A 211 1.96 -17.45 -2.74
CA ILE A 211 0.54 -17.45 -2.33
C ILE A 211 -0.16 -16.45 -3.23
N LEU A 212 -1.15 -16.96 -3.96
CA LEU A 212 -2.00 -16.20 -4.89
C LEU A 212 -3.38 -16.24 -4.27
N PRO A 213 -3.74 -15.24 -3.41
CA PRO A 213 -5.04 -15.22 -2.84
C PRO A 213 -6.18 -14.97 -3.83
N THR A 214 -7.37 -15.36 -3.43
CA THR A 214 -8.56 -15.01 -4.23
C THR A 214 -8.78 -13.48 -4.17
N ALA A 215 -9.82 -12.96 -4.82
CA ALA A 215 -10.06 -11.51 -4.88
C ALA A 215 -11.31 -11.10 -4.10
N ASP A 216 -11.66 -11.85 -3.05
CA ASP A 216 -12.89 -11.54 -2.28
C ASP A 216 -12.60 -10.47 -1.24
N ASN A 217 -11.37 -10.45 -0.74
CA ASN A 217 -11.14 -9.50 0.37
C ASN A 217 -9.99 -8.54 0.13
N HIS A 218 -10.01 -7.46 0.88
CA HIS A 218 -8.83 -6.55 0.93
C HIS A 218 -7.59 -7.36 1.35
N ILE A 219 -6.43 -6.96 0.86
CA ILE A 219 -5.11 -7.50 1.27
C ILE A 219 -4.32 -6.35 1.90
N VAL A 220 -3.88 -6.54 3.14
CA VAL A 220 -2.94 -5.60 3.81
C VAL A 220 -1.54 -6.12 3.58
N LEU A 221 -0.61 -5.26 3.20
CA LEU A 221 0.79 -5.70 3.13
C LEU A 221 1.72 -4.65 3.69
N LEU A 222 2.84 -5.09 4.25
CA LEU A 222 3.81 -4.18 4.91
C LEU A 222 4.71 -3.55 3.85
N GLY A 223 4.99 -2.27 3.99
CA GLY A 223 5.98 -1.60 3.13
C GLY A 223 7.34 -1.45 3.85
N ASP A 224 8.34 -1.09 3.08
CA ASP A 224 9.73 -0.98 3.60
C ASP A 224 9.82 0.08 4.68
N CYS A 225 8.95 1.09 4.72
CA CYS A 225 9.04 2.10 5.79
C CYS A 225 8.73 1.41 7.14
N PHE A 226 7.70 0.55 7.21
CA PHE A 226 7.34 -0.11 8.48
C PHE A 226 8.42 -1.13 8.82
N MET A 227 8.91 -1.84 7.82
CA MET A 227 10.00 -2.85 8.02
C MET A 227 11.20 -2.13 8.67
N ALA A 228 11.60 -0.99 8.13
CA ALA A 228 12.76 -0.22 8.68
C ALA A 228 12.44 0.26 10.10
N TRP A 229 11.27 0.84 10.32
CA TRP A 229 10.84 1.28 11.66
C TRP A 229 11.02 0.13 12.65
N SER A 230 10.63 -1.09 12.26
CA SER A 230 10.64 -2.29 13.16
C SER A 230 12.05 -2.83 13.33
N ASN A 231 13.04 -2.28 12.62
CA ASN A 231 14.43 -2.80 12.65
C ASN A 231 14.49 -4.22 12.07
N GLY A 232 13.65 -4.48 11.07
CA GLY A 232 13.61 -5.80 10.42
C GLY A 232 12.80 -6.83 11.19
N ARG A 233 12.13 -6.48 12.29
CA ARG A 233 11.35 -7.47 13.10
C ARG A 233 10.10 -7.86 12.32
N LEU A 234 9.58 -6.96 11.49
CA LEU A 234 8.40 -7.25 10.63
C LEU A 234 8.95 -7.47 9.22
N HIS A 235 8.22 -8.21 8.40
CA HIS A 235 8.65 -8.60 7.04
C HIS A 235 7.92 -7.76 6.00
N SER A 236 8.64 -7.06 5.12
CA SER A 236 8.04 -6.44 3.93
C SER A 236 8.05 -7.48 2.83
N PRO A 237 6.90 -7.95 2.31
CA PRO A 237 6.91 -9.05 1.34
C PRO A 237 7.10 -8.63 -0.11
N LEU A 238 7.89 -9.42 -0.82
CA LEU A 238 7.97 -9.37 -2.31
C LEU A 238 6.65 -9.86 -2.93
N HIS A 239 6.16 -9.13 -3.92
CA HIS A 239 4.87 -9.45 -4.57
C HIS A 239 4.94 -9.01 -6.04
N ARG A 240 4.02 -9.52 -6.83
CA ARG A 240 3.91 -9.22 -8.27
C ARG A 240 2.48 -9.48 -8.65
N VAL A 241 2.11 -9.22 -9.90
CA VAL A 241 0.75 -9.52 -10.41
C VAL A 241 0.89 -10.50 -11.57
N THR A 242 0.19 -11.62 -11.45
CA THR A 242 0.03 -12.64 -12.53
C THR A 242 -1.46 -12.86 -12.78
N LEU A 243 -1.94 -12.46 -13.96
CA LEU A 243 -3.33 -12.72 -14.41
C LEU A 243 -3.45 -14.24 -14.58
N VAL A 244 -4.61 -14.78 -14.25
CA VAL A 244 -4.86 -16.25 -14.33
C VAL A 244 -6.04 -16.51 -15.27
N ALA A 245 -6.58 -15.47 -15.91
CA ALA A 245 -7.71 -15.56 -16.86
C ALA A 245 -7.58 -14.46 -17.93
N ASN A 246 -8.28 -14.66 -19.05
CA ASN A 246 -8.34 -13.68 -20.15
C ASN A 246 -9.38 -12.63 -19.79
N GLN A 247 -9.11 -11.79 -18.79
CA GLN A 247 -9.96 -10.62 -18.51
C GLN A 247 -9.11 -9.46 -17.98
N ALA A 248 -9.66 -8.27 -18.18
CA ALA A 248 -9.07 -7.02 -17.67
C ALA A 248 -9.15 -7.03 -16.13
N ARG A 249 -8.21 -6.34 -15.49
CA ARG A 249 -8.10 -6.25 -14.01
C ARG A 249 -7.79 -4.80 -13.65
N LEU A 250 -8.47 -4.30 -12.63
CA LEU A 250 -8.14 -3.00 -12.02
C LEU A 250 -7.95 -3.22 -10.53
N SER A 251 -6.82 -2.79 -9.97
CA SER A 251 -6.60 -2.76 -8.52
C SER A 251 -6.77 -1.34 -7.94
N THR A 252 -7.33 -1.28 -6.76
CA THR A 252 -7.49 -0.05 -5.93
C THR A 252 -6.58 -0.20 -4.74
N SER A 253 -5.55 0.66 -4.57
CA SER A 253 -4.59 0.53 -3.47
C SER A 253 -4.50 1.83 -2.66
N SER A 254 -4.41 1.66 -1.37
CA SER A 254 -4.28 2.76 -0.39
C SER A 254 -2.91 2.63 0.29
N PHE A 255 -2.11 3.69 0.26
CA PHE A 255 -0.73 3.71 0.79
C PHE A 255 -0.64 4.80 1.87
N SER A 256 0.08 4.50 2.92
CA SER A 256 0.53 5.51 3.90
C SER A 256 2.02 5.73 3.77
N PHE A 257 2.41 7.00 3.91
CA PHE A 257 3.83 7.41 3.88
C PHE A 257 4.06 8.37 5.03
N PRO A 258 5.28 8.36 5.62
CA PRO A 258 5.56 9.33 6.67
C PRO A 258 5.58 10.75 6.11
N LYS A 259 5.44 11.73 7.01
CA LYS A 259 5.55 13.17 6.67
C LYS A 259 6.87 13.42 5.95
N ASP A 260 7.96 12.86 6.45
CA ASP A 260 9.29 13.02 5.82
C ASP A 260 10.23 11.87 6.21
N ILE A 261 10.68 11.79 7.46
CA ILE A 261 11.76 10.85 7.84
C ILE A 261 11.19 9.56 8.43
N ILE A 262 11.84 8.44 8.14
CA ILE A 262 11.71 7.20 8.94
C ILE A 262 12.97 7.07 9.78
N GLU A 263 12.78 6.83 11.07
CA GLU A 263 13.89 6.56 12.01
C GLU A 263 13.49 5.36 12.86
N THR A 264 14.42 4.41 13.01
CA THR A 264 14.22 3.18 13.82
C THR A 264 14.35 3.57 15.29
N PRO A 265 13.36 3.29 16.15
CA PRO A 265 13.46 3.60 17.57
C PRO A 265 14.47 2.71 18.31
N ALA A 266 15.16 3.35 19.25
CA ALA A 266 16.18 2.67 20.08
C ALA A 266 15.62 1.41 20.74
N GLU A 267 14.34 1.39 21.09
CA GLU A 267 13.74 0.22 21.77
C GLU A 267 13.88 -1.06 20.96
N LEU A 268 14.00 -0.96 19.65
CA LEU A 268 13.95 -2.16 18.76
C LEU A 268 15.35 -2.54 18.31
N VAL A 269 16.37 -1.88 18.85
CA VAL A 269 17.82 -2.20 18.62
C VAL A 269 18.34 -2.88 19.89
N ASP A 270 19.05 -4.00 19.72
CA ASP A 270 19.72 -4.71 20.84
C ASP A 270 20.82 -5.61 20.26
N GLU A 271 21.51 -6.36 21.14
CA GLU A 271 22.65 -7.24 20.74
C GLU A 271 22.23 -8.17 19.61
N GLU A 272 21.05 -8.78 19.68
CA GLU A 272 20.62 -9.81 18.69
C GLU A 272 20.02 -9.12 17.47
N HIS A 273 19.75 -7.80 17.56
CA HIS A 273 19.06 -7.01 16.52
C HIS A 273 19.79 -5.69 16.32
N PRO A 274 21.00 -5.69 15.72
CA PRO A 274 21.75 -4.46 15.45
C PRO A 274 20.95 -3.54 14.52
N LEU A 275 21.23 -2.25 14.61
CA LEU A 275 20.50 -1.25 13.78
C LEU A 275 20.77 -1.56 12.30
N LEU A 276 19.72 -1.85 11.52
CA LEU A 276 19.82 -2.12 10.07
C LEU A 276 19.83 -0.84 9.23
N PHE A 277 19.04 0.18 9.56
CA PHE A 277 18.87 1.40 8.73
C PHE A 277 19.07 2.65 9.55
N ASN A 278 19.94 3.53 9.08
CA ASN A 278 19.95 4.95 9.50
C ASN A 278 18.69 5.66 9.04
N PRO A 279 18.38 6.87 9.55
CA PRO A 279 17.17 7.58 9.17
C PRO A 279 17.23 7.93 7.67
N PHE A 280 16.07 7.97 7.01
CA PHE A 280 15.96 8.32 5.58
C PHE A 280 14.68 9.09 5.30
N GLU A 281 14.72 9.88 4.24
CA GLU A 281 13.61 10.75 3.77
C GLU A 281 12.82 9.92 2.75
N ILE A 282 11.50 9.85 2.89
CA ILE A 282 10.69 9.02 1.96
C ILE A 282 10.73 9.56 0.51
N THR A 283 10.65 10.88 0.30
CA THR A 283 10.56 11.41 -1.08
C THR A 283 11.86 11.01 -1.80
N GLU A 284 13.01 11.12 -1.13
CA GLU A 284 14.31 10.70 -1.71
C GLU A 284 14.32 9.19 -2.05
N LEU A 285 13.83 8.33 -1.15
CA LEU A 285 13.80 6.86 -1.37
C LEU A 285 12.92 6.58 -2.58
N LEU A 286 11.74 7.20 -2.63
CA LEU A 286 10.78 6.87 -3.68
C LEU A 286 11.40 7.20 -5.05
N ALA A 287 11.99 8.38 -5.16
CA ALA A 287 12.62 8.87 -6.41
C ALA A 287 13.75 7.92 -6.80
N TYR A 288 14.59 7.58 -5.83
CA TYR A 288 15.85 6.82 -6.03
C TYR A 288 15.53 5.48 -6.68
N CYS A 289 14.50 4.78 -6.16
CA CYS A 289 14.10 3.43 -6.62
C CYS A 289 13.62 3.49 -8.07
N PHE A 290 13.23 4.67 -8.56
CA PHE A 290 12.79 4.85 -9.97
C PHE A 290 13.93 5.35 -10.87
N THR A 291 15.19 5.33 -10.43
CA THR A 291 16.33 5.70 -11.30
C THR A 291 17.11 4.44 -11.70
N LYS A 292 17.90 4.52 -12.77
CA LYS A 292 18.81 3.42 -13.21
C LYS A 292 19.74 3.04 -12.06
N GLU A 293 20.32 4.00 -11.37
CA GLU A 293 21.37 3.73 -10.37
C GLU A 293 20.73 3.18 -9.08
N GLY A 294 19.43 3.42 -8.85
CA GLY A 294 18.85 3.13 -7.52
C GLY A 294 17.84 1.99 -7.53
N ALA A 295 17.52 1.40 -8.69
CA ALA A 295 16.46 0.38 -8.82
C ALA A 295 16.84 -0.91 -8.06
N LYS A 296 18.11 -1.07 -7.71
CA LYS A 296 18.62 -2.15 -6.83
C LYS A 296 17.83 -2.16 -5.49
N ALA A 297 17.20 -1.03 -5.12
CA ALA A 297 16.56 -0.88 -3.79
C ALA A 297 15.08 -1.27 -3.89
N VAL A 298 14.54 -1.46 -5.09
CA VAL A 298 13.11 -1.80 -5.29
C VAL A 298 12.78 -3.11 -4.57
N CYS A 299 13.64 -4.13 -4.64
CA CYS A 299 13.37 -5.45 -4.05
C CYS A 299 14.02 -5.60 -2.67
N ASP A 300 14.85 -4.65 -2.21
CA ASP A 300 15.60 -4.82 -0.94
C ASP A 300 16.09 -3.47 -0.44
N LEU A 301 15.53 -2.97 0.68
CA LEU A 301 15.98 -1.68 1.25
C LEU A 301 17.44 -1.81 1.68
N LYS A 302 17.96 -3.03 1.88
CA LYS A 302 19.41 -3.17 2.26
C LYS A 302 20.33 -2.69 1.10
N GLN A 303 19.80 -2.47 -0.12
CA GLN A 303 20.61 -1.98 -1.27
C GLN A 303 20.50 -0.45 -1.36
N TYR A 304 19.87 0.21 -0.38
CA TYR A 304 19.74 1.69 -0.28
C TYR A 304 20.83 2.25 0.63
N LYS A 305 21.16 3.55 0.50
CA LYS A 305 22.26 4.22 1.21
C LYS A 305 22.02 4.20 2.73
N ALA A 306 20.78 4.06 3.22
CA ALA A 306 20.49 4.05 4.66
C ALA A 306 20.98 2.76 5.34
N TYR A 307 21.21 1.69 4.59
CA TYR A 307 21.70 0.43 5.18
C TYR A 307 23.01 0.63 5.94
N THR A 308 23.09 0.08 7.14
CA THR A 308 24.29 0.23 8.02
C THR A 308 25.37 -0.79 7.67
N GLY A 309 24.99 -1.92 7.06
CA GLY A 309 25.96 -3.00 6.85
C GLY A 309 26.03 -3.91 8.05
N ALA A 310 25.05 -3.83 8.95
CA ALA A 310 25.11 -4.58 10.23
C ALA A 310 25.18 -6.10 10.02
N LEU A 311 24.52 -6.62 8.98
CA LEU A 311 24.45 -8.09 8.77
C LEU A 311 25.78 -8.57 8.16
N GLU A 312 26.68 -7.63 7.82
CA GLU A 312 27.99 -7.99 7.22
C GLU A 312 27.78 -9.05 6.13
FE FE B . 3.14 -3.27 -4.64
C TRS C . 2.70 16.10 -8.08
C1 TRS C . 3.89 15.15 -8.22
C2 TRS C . 2.96 17.34 -8.95
C3 TRS C . 2.46 16.52 -6.62
N TRS C . 1.42 15.48 -8.57
O1 TRS C . 3.79 14.03 -7.34
O2 TRS C . 2.90 17.12 -10.35
O3 TRS C . 1.11 16.94 -6.40
C TRS D . 18.35 5.53 16.36
C1 TRS D . 18.65 5.08 14.93
C2 TRS D . 19.37 6.59 16.79
C3 TRS D . 18.35 4.35 17.33
N TRS D . 16.98 6.11 16.45
O1 TRS D . 18.42 6.15 14.04
O2 TRS D . 18.90 7.13 18.01
O3 TRS D . 19.51 3.53 17.22
C TRS E . 0.31 -3.32 -5.58
C1 TRS E . -0.42 -2.53 -6.67
C2 TRS E . 0.28 -2.55 -4.27
C3 TRS E . -0.30 -4.69 -5.34
N TRS E . 1.70 -3.62 -6.05
O1 TRS E . 0.43 -1.53 -7.22
O2 TRS E . 1.37 -2.97 -3.47
O3 TRS E . 0.14 -5.60 -6.34
#